data_2IHQ
#
_entry.id   2IHQ
#
_cell.length_a   54.546
_cell.length_b   65.522
_cell.length_c   70.013
_cell.angle_alpha   90.00
_cell.angle_beta   90.00
_cell.angle_gamma   90.00
#
_symmetry.space_group_name_H-M   'P 21 21 21'
#
loop_
_entity.id
_entity.type
_entity.pdbx_description
1 polymer 'Androgen receptor'
2 non-polymer 4-[(7R,7AS)-7-HYDROXY-1,3-DIOXOTETRAHYDRO-1H-PYRROLO[1,2-C]IMIDAZOL-2(3H)-YL]-1-NAPHTHONITRILE
3 water water
#
_entity_poly.entity_id   1
_entity_poly.type   'polypeptide(L)'
_entity_poly.pdbx_seq_one_letter_code
;GSHMIEGYECQPIFLNVLEAIEPGVVCAGHDNNQPDSFAALLSSLNELGERQLVHVVKWAKALPGFRNLHVDDQMAVIQY
SWMGLMVFAMGWRSFTNVNSRMLYFAPDLVFNEYRMHKSRMYSQCVRMRHLSQEFGWLQITPQEFLCMKALLLFSIIPVD
GLKNQKFFDELRMNYIKELDRIIACKRKNPTSCSRRFYQLTKLLDSVQPIARELHQFTFDLLIKSHMVSVDFPEMMAEII
SVQVPKILSGKVKPIYFHTQ
;
_entity_poly.pdbx_strand_id   A
#
loop_
_chem_comp.id
_chem_comp.type
_chem_comp.name
_chem_comp.formula
LG7 non-polymer 4-[(7R,7AS)-7-HYDROXY-1,3-DIOXOTETRAHYDRO-1H-PYRROLO[1,2-C]IMIDAZOL-2(3H)-YL]-1-NAPHTHONITRILE 'C17 H13 N3 O3'
#
# COMPACT_ATOMS: atom_id res chain seq x y z
N PRO A 12 4.77 7.95 23.18
CA PRO A 12 4.04 6.68 23.16
C PRO A 12 2.60 6.83 22.69
N ILE A 13 2.08 8.06 22.74
CA ILE A 13 0.70 8.32 22.33
C ILE A 13 0.47 7.99 20.86
N PHE A 14 1.37 8.48 20.01
CA PHE A 14 1.26 8.24 18.57
C PHE A 14 1.31 6.75 18.22
N LEU A 15 2.32 6.06 18.73
CA LEU A 15 2.50 4.64 18.47
C LEU A 15 1.35 3.84 19.05
N ASN A 16 0.83 4.29 20.19
CA ASN A 16 -0.31 3.64 20.83
C ASN A 16 -1.48 3.58 19.86
N VAL A 17 -1.82 4.72 19.28
CA VAL A 17 -2.94 4.76 18.36
C VAL A 17 -2.69 3.98 17.07
N LEU A 18 -1.44 3.99 16.59
CA LEU A 18 -1.12 3.24 15.38
C LEU A 18 -1.35 1.74 15.60
N GLU A 19 -0.88 1.19 16.72
CA GLU A 19 -1.11 -0.23 16.98
C GLU A 19 -2.60 -0.47 17.14
N ALA A 20 -3.25 0.41 17.90
CA ALA A 20 -4.67 0.28 18.20
C ALA A 20 -5.57 0.21 16.95
N ILE A 21 -5.29 1.06 15.98
CA ILE A 21 -6.09 1.13 14.76
C ILE A 21 -5.71 0.15 13.65
N GLU A 22 -4.61 -0.56 13.85
CA GLU A 22 -4.13 -1.49 12.82
C GLU A 22 -5.15 -2.58 12.47
N PRO A 23 -5.49 -2.70 11.17
CA PRO A 23 -6.47 -3.71 10.76
C PRO A 23 -6.08 -5.13 11.16
N GLY A 24 -7.08 -6.00 11.33
CA GLY A 24 -6.82 -7.38 11.66
C GLY A 24 -6.68 -8.22 10.40
N VAL A 25 -6.94 -9.51 10.51
CA VAL A 25 -6.82 -10.43 9.38
C VAL A 25 -7.96 -10.22 8.40
N VAL A 26 -7.64 -10.15 7.11
CA VAL A 26 -8.67 -9.97 6.10
C VAL A 26 -8.55 -11.10 5.07
N CYS A 27 -9.59 -11.92 4.97
CA CYS A 27 -9.58 -13.05 4.05
C CYS A 27 -10.22 -12.66 2.72
N ALA A 28 -9.86 -13.41 1.68
CA ALA A 28 -10.36 -13.13 0.33
C ALA A 28 -11.64 -13.90 0.00
N GLY A 29 -11.81 -15.07 0.62
CA GLY A 29 -12.94 -15.92 0.35
C GLY A 29 -12.68 -16.77 -0.87
N HIS A 30 -11.40 -16.93 -1.22
CA HIS A 30 -10.98 -17.70 -2.38
C HIS A 30 -11.23 -19.20 -2.27
N ASP A 31 -11.57 -19.84 -3.40
CA ASP A 31 -11.79 -21.29 -3.44
C ASP A 31 -10.46 -22.00 -3.68
N ASN A 32 -9.79 -22.42 -2.62
CA ASN A 32 -8.51 -23.10 -2.78
C ASN A 32 -8.63 -24.53 -3.29
N ASN A 33 -9.81 -24.91 -3.76
CA ASN A 33 -10.00 -26.24 -4.32
C ASN A 33 -10.07 -26.18 -5.86
N GLN A 34 -10.61 -25.09 -6.39
CA GLN A 34 -10.68 -24.91 -7.84
C GLN A 34 -9.26 -24.76 -8.38
N PRO A 35 -9.09 -24.94 -9.70
CA PRO A 35 -7.74 -24.83 -10.26
C PRO A 35 -7.29 -23.38 -10.37
N ASP A 36 -5.97 -23.17 -10.38
CA ASP A 36 -5.43 -21.82 -10.49
C ASP A 36 -5.61 -21.20 -11.86
N SER A 37 -6.83 -20.75 -12.15
CA SER A 37 -7.11 -20.10 -13.42
C SER A 37 -6.86 -18.61 -13.24
N PHE A 38 -6.47 -17.94 -14.32
CA PHE A 38 -6.23 -16.51 -14.27
C PHE A 38 -7.51 -15.85 -13.74
N ALA A 39 -8.64 -16.24 -14.32
CA ALA A 39 -9.95 -15.70 -13.97
C ALA A 39 -10.29 -15.79 -12.50
N ALA A 40 -10.22 -16.99 -11.92
CA ALA A 40 -10.56 -17.18 -10.53
C ALA A 40 -9.60 -16.45 -9.58
N LEU A 41 -8.30 -16.51 -9.87
CA LEU A 41 -7.32 -15.85 -9.03
C LEU A 41 -7.56 -14.32 -9.01
N LEU A 42 -7.69 -13.73 -10.20
CA LEU A 42 -7.91 -12.29 -10.33
C LEU A 42 -9.26 -11.86 -9.74
N SER A 43 -10.29 -12.67 -9.93
CA SER A 43 -11.58 -12.37 -9.34
C SER A 43 -11.42 -12.33 -7.81
N SER A 44 -10.62 -13.25 -7.26
CA SER A 44 -10.39 -13.23 -5.82
C SER A 44 -9.52 -12.03 -5.39
N LEU A 45 -8.49 -11.70 -6.15
CA LEU A 45 -7.66 -10.53 -5.80
C LEU A 45 -8.55 -9.28 -5.77
N ASN A 46 -9.44 -9.16 -6.76
CA ASN A 46 -10.36 -8.01 -6.85
C ASN A 46 -11.24 -7.93 -5.59
N GLU A 47 -11.89 -9.04 -5.25
CA GLU A 47 -12.76 -9.07 -4.09
C GLU A 47 -11.99 -8.74 -2.81
N LEU A 48 -10.77 -9.29 -2.69
CA LEU A 48 -9.92 -8.98 -1.55
C LEU A 48 -9.55 -7.50 -1.58
N GLY A 49 -9.29 -7.00 -2.78
CA GLY A 49 -8.93 -5.60 -2.95
C GLY A 49 -10.03 -4.73 -2.36
N GLU A 50 -11.27 -5.07 -2.71
CA GLU A 50 -12.43 -4.35 -2.20
C GLU A 50 -12.48 -4.39 -0.69
N ARG A 51 -12.39 -5.60 -0.13
CA ARG A 51 -12.43 -5.79 1.31
C ARG A 51 -11.35 -4.94 2.00
N GLN A 52 -10.15 -4.98 1.45
CA GLN A 52 -9.04 -4.19 1.99
C GLN A 52 -9.32 -2.69 1.93
N LEU A 53 -10.01 -2.25 0.87
CA LEU A 53 -10.32 -0.84 0.71
C LEU A 53 -11.20 -0.38 1.88
N VAL A 54 -12.21 -1.20 2.19
CA VAL A 54 -13.11 -0.94 3.30
C VAL A 54 -12.34 -0.71 4.60
N HIS A 55 -11.38 -1.59 4.86
CA HIS A 55 -10.58 -1.51 6.09
C HIS A 55 -9.60 -0.33 6.07
N VAL A 56 -9.03 -0.05 4.91
CA VAL A 56 -8.10 1.07 4.78
C VAL A 56 -8.80 2.41 5.04
N VAL A 57 -10.07 2.51 4.62
CA VAL A 57 -10.86 3.72 4.86
C VAL A 57 -11.12 3.94 6.35
N LYS A 58 -11.55 2.90 7.05
CA LYS A 58 -11.80 3.01 8.49
C LYS A 58 -10.49 3.23 9.24
N TRP A 59 -9.41 2.64 8.73
CA TRP A 59 -8.10 2.79 9.35
C TRP A 59 -7.62 4.23 9.19
N ALA A 60 -7.58 4.70 7.95
CA ALA A 60 -7.14 6.05 7.63
C ALA A 60 -7.91 7.12 8.41
N LYS A 61 -9.24 7.02 8.40
CA LYS A 61 -10.06 8.00 9.10
C LYS A 61 -9.80 8.10 10.61
N ALA A 62 -9.26 7.03 11.20
CA ALA A 62 -8.94 6.99 12.62
C ALA A 62 -7.50 7.39 12.92
N LEU A 63 -6.77 7.83 11.91
CA LEU A 63 -5.38 8.25 12.10
C LEU A 63 -5.30 9.62 12.76
N PRO A 64 -4.29 9.84 13.62
CA PRO A 64 -4.16 11.17 14.24
C PRO A 64 -4.05 12.30 13.23
N GLY A 65 -4.87 13.34 13.42
CA GLY A 65 -4.87 14.52 12.58
C GLY A 65 -5.54 14.37 11.22
N PHE A 66 -5.95 13.14 10.89
CA PHE A 66 -6.58 12.90 9.59
C PHE A 66 -7.82 13.77 9.34
N ARG A 67 -8.56 14.08 10.41
CA ARG A 67 -9.75 14.90 10.28
C ARG A 67 -9.39 16.35 9.98
N ASN A 68 -8.13 16.71 10.16
CA ASN A 68 -7.66 18.06 9.86
C ASN A 68 -7.84 18.34 8.36
N LEU A 69 -7.69 17.28 7.56
CA LEU A 69 -7.81 17.39 6.11
C LEU A 69 -9.22 17.76 5.72
N HIS A 70 -9.36 18.54 4.66
CA HIS A 70 -10.67 18.88 4.16
C HIS A 70 -11.39 17.59 3.77
N VAL A 71 -12.71 17.60 3.88
CA VAL A 71 -13.55 16.44 3.56
C VAL A 71 -13.23 15.72 2.24
N ASP A 72 -13.17 16.47 1.16
CA ASP A 72 -12.92 15.88 -0.15
C ASP A 72 -11.49 15.38 -0.31
N ASP A 73 -10.56 16.06 0.34
CA ASP A 73 -9.16 15.63 0.28
C ASP A 73 -9.02 14.27 0.97
N GLN A 74 -9.83 14.05 2.01
CA GLN A 74 -9.79 12.82 2.79
C GLN A 74 -9.94 11.56 1.94
N MET A 75 -11.04 11.46 1.20
CA MET A 75 -11.27 10.27 0.39
C MET A 75 -10.27 10.16 -0.76
N ALA A 76 -9.90 11.28 -1.35
CA ALA A 76 -8.95 11.30 -2.46
C ALA A 76 -7.61 10.75 -2.02
N VAL A 77 -7.10 11.24 -0.89
CA VAL A 77 -5.82 10.76 -0.40
C VAL A 77 -5.86 9.24 -0.17
N ILE A 78 -7.00 8.74 0.31
CA ILE A 78 -7.17 7.32 0.55
C ILE A 78 -7.21 6.51 -0.77
N GLN A 79 -8.01 6.98 -1.72
CA GLN A 79 -8.15 6.29 -2.98
C GLN A 79 -6.86 6.26 -3.81
N TYR A 80 -6.11 7.35 -3.81
CA TYR A 80 -4.87 7.41 -4.56
C TYR A 80 -3.81 6.48 -3.95
N SER A 81 -3.69 6.52 -2.62
CA SER A 81 -2.66 5.73 -1.95
C SER A 81 -3.05 4.31 -1.60
N TRP A 82 -4.30 3.94 -1.88
CA TRP A 82 -4.80 2.62 -1.57
C TRP A 82 -3.98 1.45 -2.10
N MET A 83 -3.67 1.46 -3.38
CA MET A 83 -2.85 0.41 -3.97
C MET A 83 -1.52 0.21 -3.23
N GLY A 84 -0.80 1.31 -2.99
CA GLY A 84 0.49 1.27 -2.32
C GLY A 84 0.41 0.82 -0.87
N LEU A 85 -0.68 1.23 -0.20
CA LEU A 85 -0.89 0.84 1.17
C LEU A 85 -1.08 -0.69 1.21
N MET A 86 -1.78 -1.23 0.22
CA MET A 86 -1.99 -2.67 0.16
C MET A 86 -0.67 -3.38 -0.15
N VAL A 87 0.12 -2.78 -1.04
CA VAL A 87 1.41 -3.34 -1.42
C VAL A 87 2.29 -3.44 -0.19
N PHE A 88 2.43 -2.33 0.52
CA PHE A 88 3.32 -2.24 1.68
C PHE A 88 2.94 -3.23 2.78
N ALA A 89 1.67 -3.21 3.17
CA ALA A 89 1.18 -4.10 4.20
C ALA A 89 1.31 -5.56 3.77
N MET A 90 0.93 -5.87 2.53
CA MET A 90 1.04 -7.25 2.07
C MET A 90 2.49 -7.74 2.12
N GLY A 91 3.43 -6.86 1.78
CA GLY A 91 4.84 -7.20 1.81
C GLY A 91 5.28 -7.56 3.22
N TRP A 92 4.73 -6.82 4.19
CA TRP A 92 5.02 -7.06 5.60
C TRP A 92 4.39 -8.39 6.06
N ARG A 93 3.17 -8.64 5.63
CA ARG A 93 2.47 -9.89 5.98
C ARG A 93 3.25 -11.09 5.44
N SER A 94 3.83 -10.91 4.25
CA SER A 94 4.61 -11.95 3.61
C SER A 94 5.88 -12.19 4.42
N PHE A 95 6.53 -11.11 4.82
CA PHE A 95 7.75 -11.21 5.62
C PHE A 95 7.48 -11.91 6.95
N THR A 96 6.51 -11.41 7.70
CA THR A 96 6.19 -11.98 9.01
C THR A 96 5.68 -13.42 9.01
N ASN A 97 4.74 -13.73 8.11
CA ASN A 97 4.12 -15.06 8.08
C ASN A 97 4.88 -16.16 7.37
N VAL A 98 5.41 -15.87 6.19
CA VAL A 98 6.12 -16.89 5.42
C VAL A 98 7.56 -16.53 5.09
N ASN A 99 8.14 -15.61 5.85
CA ASN A 99 9.52 -15.22 5.62
C ASN A 99 9.77 -14.77 4.18
N SER A 100 8.78 -14.13 3.57
CA SER A 100 8.88 -13.65 2.19
C SER A 100 9.02 -14.76 1.15
N ARG A 101 8.79 -16.00 1.55
CA ARG A 101 8.91 -17.10 0.60
C ARG A 101 7.86 -16.97 -0.48
N MET A 102 6.63 -16.69 -0.07
CA MET A 102 5.52 -16.48 -0.99
C MET A 102 4.85 -15.14 -0.66
N LEU A 103 3.86 -14.76 -1.46
CA LEU A 103 3.13 -13.51 -1.21
C LEU A 103 1.84 -13.80 -0.43
N TYR A 104 1.82 -13.37 0.82
CA TYR A 104 0.68 -13.57 1.72
C TYR A 104 -0.40 -12.51 1.54
N PHE A 105 -1.19 -12.63 0.48
CA PHE A 105 -2.25 -11.67 0.19
C PHE A 105 -3.34 -11.76 1.25
N ALA A 106 -3.59 -12.99 1.67
CA ALA A 106 -4.59 -13.27 2.69
C ALA A 106 -4.34 -14.70 3.17
N PRO A 107 -4.85 -15.03 4.38
CA PRO A 107 -4.59 -16.40 4.85
C PRO A 107 -5.06 -17.46 3.86
N ASP A 108 -6.10 -17.14 3.11
CA ASP A 108 -6.68 -18.08 2.14
C ASP A 108 -6.29 -17.73 0.72
N LEU A 109 -5.28 -16.88 0.56
CA LEU A 109 -4.83 -16.54 -0.77
C LEU A 109 -3.32 -16.24 -0.74
N VAL A 110 -2.54 -17.31 -0.69
CA VAL A 110 -1.09 -17.21 -0.64
C VAL A 110 -0.56 -17.58 -2.02
N PHE A 111 0.19 -16.67 -2.60
CA PHE A 111 0.72 -16.89 -3.93
C PHE A 111 2.07 -17.60 -3.90
N ASN A 112 2.16 -18.72 -4.61
CA ASN A 112 3.44 -19.39 -4.79
C ASN A 112 3.88 -18.96 -6.20
N GLU A 113 4.99 -19.52 -6.69
CA GLU A 113 5.49 -19.13 -8.01
C GLU A 113 4.51 -19.49 -9.11
N TYR A 114 3.78 -20.58 -8.92
CA TYR A 114 2.83 -21.01 -9.91
C TYR A 114 1.68 -19.99 -10.06
N ARG A 115 1.21 -19.49 -8.93
CA ARG A 115 0.13 -18.52 -8.88
C ARG A 115 0.64 -17.15 -9.36
N MET A 116 1.87 -16.81 -9.01
CA MET A 116 2.48 -15.57 -9.46
C MET A 116 2.44 -15.56 -10.99
N HIS A 117 2.71 -16.72 -11.58
CA HIS A 117 2.71 -16.85 -13.03
C HIS A 117 1.29 -16.91 -13.62
N LYS A 118 0.43 -17.72 -13.01
CA LYS A 118 -0.94 -17.88 -13.51
C LYS A 118 -1.75 -16.58 -13.52
N SER A 119 -1.42 -15.69 -12.60
CA SER A 119 -2.12 -14.40 -12.49
C SER A 119 -1.68 -13.40 -13.57
N ARG A 120 -0.62 -13.74 -14.30
CA ARG A 120 -0.08 -12.87 -15.35
C ARG A 120 0.46 -11.58 -14.75
N MET A 121 0.76 -11.64 -13.46
CA MET A 121 1.24 -10.50 -12.69
C MET A 121 2.63 -10.82 -12.13
N TYR A 122 3.28 -11.82 -12.70
CA TYR A 122 4.58 -12.28 -12.22
C TYR A 122 5.58 -11.16 -11.93
N SER A 123 5.78 -10.28 -12.91
CA SER A 123 6.73 -9.19 -12.74
C SER A 123 6.42 -8.37 -11.49
N GLN A 124 5.17 -7.93 -11.34
CA GLN A 124 4.80 -7.15 -10.17
C GLN A 124 4.93 -7.98 -8.90
N CYS A 125 4.53 -9.25 -8.95
CA CYS A 125 4.64 -10.11 -7.78
C CYS A 125 6.09 -10.22 -7.37
N VAL A 126 6.95 -10.41 -8.36
CA VAL A 126 8.38 -10.55 -8.12
C VAL A 126 8.93 -9.32 -7.41
N ARG A 127 8.48 -8.14 -7.81
CA ARG A 127 8.92 -6.89 -7.18
C ARG A 127 8.37 -6.75 -5.75
N MET A 128 7.16 -7.24 -5.54
CA MET A 128 6.57 -7.20 -4.21
C MET A 128 7.26 -8.17 -3.26
N ARG A 129 7.71 -9.30 -3.79
CA ARG A 129 8.43 -10.27 -2.97
C ARG A 129 9.79 -9.66 -2.57
N HIS A 130 10.37 -8.90 -3.48
CA HIS A 130 11.65 -8.23 -3.22
C HIS A 130 11.46 -7.22 -2.08
N LEU A 131 10.44 -6.36 -2.22
CA LEU A 131 10.13 -5.39 -1.19
C LEU A 131 9.95 -6.13 0.14
N SER A 132 9.17 -7.20 0.10
CA SER A 132 8.93 -8.02 1.29
C SER A 132 10.25 -8.46 1.91
N GLN A 133 11.19 -8.89 1.07
CA GLN A 133 12.50 -9.35 1.53
C GLN A 133 13.24 -8.21 2.22
N GLU A 134 13.02 -6.99 1.72
CA GLU A 134 13.68 -5.82 2.29
C GLU A 134 13.36 -5.61 3.76
N PHE A 135 12.16 -6.00 4.19
CA PHE A 135 11.78 -5.86 5.60
C PHE A 135 12.75 -6.68 6.45
N GLY A 136 13.17 -7.82 5.92
CA GLY A 136 14.09 -8.69 6.63
C GLY A 136 15.52 -8.20 6.57
N TRP A 137 16.00 -7.89 5.37
CA TRP A 137 17.35 -7.39 5.17
C TRP A 137 17.58 -6.14 6.00
N LEU A 138 16.60 -5.24 5.97
CA LEU A 138 16.70 -3.99 6.73
C LEU A 138 16.34 -4.15 8.20
N GLN A 139 15.82 -5.32 8.57
CA GLN A 139 15.45 -5.53 9.96
C GLN A 139 14.42 -4.46 10.36
N ILE A 140 13.46 -4.22 9.48
CA ILE A 140 12.40 -3.24 9.72
C ILE A 140 11.65 -3.63 10.99
N THR A 141 11.44 -2.64 11.84
CA THR A 141 10.77 -2.81 13.12
C THR A 141 9.24 -2.79 12.98
N PRO A 142 8.52 -3.56 13.82
CA PRO A 142 7.07 -3.49 13.67
C PRO A 142 6.54 -2.06 13.85
N GLN A 143 7.29 -1.26 14.61
CA GLN A 143 6.93 0.13 14.86
C GLN A 143 7.30 1.02 13.69
N GLU A 144 8.48 0.76 13.13
CA GLU A 144 8.92 1.49 11.96
C GLU A 144 7.93 1.19 10.82
N PHE A 145 7.46 -0.06 10.78
CA PHE A 145 6.51 -0.48 9.75
C PHE A 145 5.23 0.33 9.84
N LEU A 146 4.67 0.41 11.05
CA LEU A 146 3.43 1.13 11.29
C LEU A 146 3.53 2.60 10.91
N CYS A 147 4.63 3.23 11.31
CA CYS A 147 4.84 4.65 11.00
C CYS A 147 5.00 4.87 9.51
N MET A 148 5.74 3.98 8.86
CA MET A 148 5.97 4.10 7.42
C MET A 148 4.66 3.91 6.68
N LYS A 149 3.87 2.94 7.10
CA LYS A 149 2.59 2.70 6.43
C LYS A 149 1.72 3.94 6.54
N ALA A 150 1.71 4.54 7.72
CA ALA A 150 0.96 5.77 7.97
C ALA A 150 1.42 6.88 7.01
N LEU A 151 2.73 7.07 6.91
CA LEU A 151 3.29 8.09 6.03
C LEU A 151 2.87 7.84 4.58
N LEU A 152 2.78 6.56 4.21
CA LEU A 152 2.39 6.16 2.85
C LEU A 152 1.04 6.75 2.47
N LEU A 153 0.17 6.94 3.46
CA LEU A 153 -1.14 7.50 3.19
C LEU A 153 -1.02 8.90 2.57
N PHE A 154 -0.06 9.68 3.05
CA PHE A 154 0.16 11.05 2.56
C PHE A 154 1.33 11.13 1.60
N SER A 155 1.41 10.18 0.66
CA SER A 155 2.53 10.16 -0.26
C SER A 155 2.17 10.24 -1.75
N ILE A 156 0.95 10.64 -2.06
CA ILE A 156 0.55 10.78 -3.46
C ILE A 156 -0.60 11.78 -3.58
N ILE A 157 -0.37 12.87 -4.31
CA ILE A 157 -1.33 13.96 -4.43
C ILE A 157 -1.47 14.52 -5.85
N PRO A 158 -2.56 15.26 -6.11
CA PRO A 158 -2.72 15.88 -7.42
C PRO A 158 -1.59 16.88 -7.64
N VAL A 159 -1.04 16.89 -8.85
CA VAL A 159 0.05 17.80 -9.15
C VAL A 159 -0.38 19.25 -8.93
N ASP A 160 -1.68 19.51 -9.11
CA ASP A 160 -2.22 20.86 -8.90
C ASP A 160 -2.83 21.02 -7.51
N GLY A 161 -2.33 20.24 -6.54
CA GLY A 161 -2.76 20.32 -5.15
C GLY A 161 -4.17 19.92 -4.80
N LEU A 162 -4.43 19.89 -3.49
CA LEU A 162 -5.72 19.51 -2.93
C LEU A 162 -6.59 20.73 -2.62
N LYS A 163 -7.79 20.49 -2.12
CA LYS A 163 -8.71 21.56 -1.75
C LYS A 163 -8.08 22.41 -0.63
N ASN A 164 -7.26 21.78 0.20
CA ASN A 164 -6.57 22.49 1.28
C ASN A 164 -5.19 21.87 1.48
N GLN A 165 -4.30 22.18 0.55
CA GLN A 165 -2.94 21.69 0.57
C GLN A 165 -2.22 21.98 1.87
N LYS A 166 -2.48 23.16 2.45
CA LYS A 166 -1.80 23.55 3.68
C LYS A 166 -1.99 22.56 4.82
N PHE A 167 -3.21 22.03 4.95
CA PHE A 167 -3.50 21.05 6.00
C PHE A 167 -2.80 19.72 5.72
N PHE A 168 -2.74 19.36 4.44
CA PHE A 168 -2.08 18.13 4.02
C PHE A 168 -0.59 18.20 4.31
N ASP A 169 0.03 19.29 3.90
CA ASP A 169 1.45 19.50 4.08
C ASP A 169 1.85 19.44 5.55
N GLU A 170 1.01 20.00 6.41
CA GLU A 170 1.28 20.00 7.84
C GLU A 170 1.15 18.56 8.37
N LEU A 171 0.11 17.86 7.91
CA LEU A 171 -0.14 16.49 8.32
C LEU A 171 1.03 15.60 7.90
N ARG A 172 1.48 15.75 6.65
CA ARG A 172 2.60 14.96 6.14
C ARG A 172 3.89 15.28 6.89
N MET A 173 4.10 16.56 7.15
CA MET A 173 5.29 16.99 7.87
C MET A 173 5.37 16.33 9.24
N ASN A 174 4.24 16.27 9.94
CA ASN A 174 4.21 15.70 11.28
C ASN A 174 4.47 14.19 11.30
N TYR A 175 4.02 13.50 10.26
CA TYR A 175 4.24 12.07 10.15
C TYR A 175 5.70 11.77 9.81
N ILE A 176 6.34 12.67 9.07
CA ILE A 176 7.75 12.48 8.75
C ILE A 176 8.52 12.60 10.06
N LYS A 177 8.12 13.55 10.88
CA LYS A 177 8.78 13.75 12.16
C LYS A 177 8.63 12.54 13.08
N GLU A 178 7.45 11.93 13.09
CA GLU A 178 7.19 10.76 13.93
C GLU A 178 8.13 9.63 13.53
N LEU A 179 8.34 9.48 12.21
CA LEU A 179 9.24 8.46 11.69
C LEU A 179 10.66 8.75 12.16
N ASP A 180 11.06 10.02 12.02
CA ASP A 180 12.38 10.46 12.45
C ASP A 180 12.51 10.14 13.94
N ARG A 181 11.43 10.36 14.69
CA ARG A 181 11.42 10.10 16.12
C ARG A 181 11.62 8.61 16.44
N ILE A 182 10.97 7.75 15.66
CA ILE A 182 11.10 6.31 15.85
C ILE A 182 12.46 5.82 15.35
N ILE A 183 12.73 6.09 14.08
CA ILE A 183 14.00 5.68 13.48
C ILE A 183 15.12 6.57 13.98
N ALA A 184 14.98 7.04 15.21
CA ALA A 184 15.98 7.92 15.82
C ALA A 184 15.63 8.30 17.26
N CYS A 185 15.88 7.38 18.17
CA CYS A 185 15.64 7.60 19.59
C CYS A 185 16.84 7.06 20.37
N LYS A 186 17.66 6.27 19.69
CA LYS A 186 18.87 5.69 20.27
C LYS A 186 20.06 6.57 19.89
N ARG A 187 21.21 6.31 20.52
CA ARG A 187 22.43 7.07 20.24
C ARG A 187 22.66 7.18 18.74
N LYS A 188 22.01 8.17 18.13
CA LYS A 188 22.10 8.36 16.68
C LYS A 188 23.12 9.42 16.27
N ASN A 189 23.76 9.17 15.12
CA ASN A 189 24.76 10.05 14.54
C ASN A 189 25.52 9.28 13.47
N PRO A 190 25.98 9.98 12.44
CA PRO A 190 26.73 9.35 11.36
C PRO A 190 25.96 8.17 10.77
N THR A 191 26.69 7.24 10.16
CA THR A 191 26.09 6.07 9.55
C THR A 191 25.21 5.27 10.53
N SER A 192 24.07 5.84 10.90
CA SER A 192 23.14 5.18 11.81
C SER A 192 21.84 5.98 11.97
N CYS A 193 21.96 7.25 12.33
CA CYS A 193 20.79 8.11 12.48
C CYS A 193 20.23 8.45 11.10
N SER A 194 21.08 9.00 10.25
CA SER A 194 20.69 9.37 8.89
C SER A 194 20.81 8.16 8.00
N ARG A 195 21.65 7.21 8.41
CA ARG A 195 21.82 5.98 7.68
C ARG A 195 20.47 5.27 7.67
N ARG A 196 19.87 5.18 8.86
CA ARG A 196 18.58 4.53 9.03
C ARG A 196 17.48 5.26 8.25
N PHE A 197 17.42 6.58 8.43
CA PHE A 197 16.42 7.40 7.75
C PHE A 197 16.51 7.29 6.24
N TYR A 198 17.72 7.26 5.71
CA TYR A 198 17.90 7.16 4.27
C TYR A 198 17.35 5.81 3.80
N GLN A 199 17.72 4.75 4.51
CA GLN A 199 17.26 3.40 4.17
C GLN A 199 15.74 3.31 4.09
N LEU A 200 15.06 3.84 5.11
CA LEU A 200 13.60 3.77 5.17
C LEU A 200 12.92 4.65 4.13
N THR A 201 13.47 5.83 3.86
CA THR A 201 12.87 6.71 2.87
C THR A 201 13.05 6.13 1.48
N LYS A 202 14.18 5.43 1.29
CA LYS A 202 14.45 4.78 0.03
C LYS A 202 13.47 3.60 -0.11
N LEU A 203 13.22 2.90 0.99
CA LEU A 203 12.29 1.78 0.98
C LEU A 203 10.86 2.28 0.67
N LEU A 204 10.48 3.42 1.26
CA LEU A 204 9.16 3.99 1.01
C LEU A 204 8.94 4.42 -0.44
N ASP A 205 9.98 4.98 -1.04
CA ASP A 205 9.95 5.42 -2.44
C ASP A 205 9.76 4.19 -3.33
N SER A 206 10.41 3.11 -2.95
CA SER A 206 10.37 1.86 -3.70
C SER A 206 8.97 1.24 -3.86
N VAL A 207 7.99 1.73 -3.11
CA VAL A 207 6.66 1.17 -3.25
C VAL A 207 5.86 1.84 -4.36
N GLN A 208 6.21 3.08 -4.69
CA GLN A 208 5.50 3.82 -5.73
C GLN A 208 5.61 3.22 -7.13
N PRO A 209 6.79 2.68 -7.48
CA PRO A 209 6.87 2.08 -8.82
C PRO A 209 6.08 0.77 -8.91
N ILE A 210 5.95 0.07 -7.79
CA ILE A 210 5.18 -1.18 -7.76
C ILE A 210 3.69 -0.85 -7.91
N ALA A 211 3.25 0.19 -7.21
CA ALA A 211 1.85 0.60 -7.25
C ALA A 211 1.45 1.09 -8.65
N ARG A 212 2.35 1.79 -9.32
CA ARG A 212 2.06 2.28 -10.68
C ARG A 212 1.91 1.08 -11.61
N GLU A 213 2.80 0.11 -11.49
CA GLU A 213 2.72 -1.11 -12.29
C GLU A 213 1.40 -1.82 -12.03
N LEU A 214 1.00 -1.85 -10.77
CA LEU A 214 -0.23 -2.51 -10.38
C LEU A 214 -1.43 -1.72 -10.89
N HIS A 215 -1.31 -0.40 -10.85
CA HIS A 215 -2.37 0.47 -11.33
C HIS A 215 -2.59 0.21 -12.81
N GLN A 216 -1.50 0.25 -13.59
CA GLN A 216 -1.58 0.02 -15.03
C GLN A 216 -2.22 -1.31 -15.34
N PHE A 217 -1.75 -2.36 -14.67
CA PHE A 217 -2.25 -3.71 -14.87
C PHE A 217 -3.73 -3.83 -14.53
N THR A 218 -4.13 -3.23 -13.41
CA THR A 218 -5.52 -3.28 -12.95
C THR A 218 -6.43 -2.51 -13.91
N PHE A 219 -5.93 -1.37 -14.39
CA PHE A 219 -6.67 -0.53 -15.32
C PHE A 219 -6.90 -1.32 -16.60
N ASP A 220 -5.84 -1.90 -17.15
CA ASP A 220 -5.96 -2.67 -18.38
C ASP A 220 -6.95 -3.82 -18.21
N LEU A 221 -6.91 -4.45 -17.04
CA LEU A 221 -7.79 -5.57 -16.74
C LEU A 221 -9.26 -5.15 -16.64
N LEU A 222 -9.51 -3.99 -16.05
CA LEU A 222 -10.89 -3.51 -15.94
C LEU A 222 -11.45 -3.27 -17.34
N ILE A 223 -10.67 -2.59 -18.18
CA ILE A 223 -11.05 -2.27 -19.55
C ILE A 223 -11.43 -3.51 -20.36
N LYS A 224 -10.69 -4.60 -20.18
CA LYS A 224 -10.95 -5.84 -20.93
C LYS A 224 -11.61 -6.92 -20.08
N SER A 225 -12.07 -6.56 -18.89
CA SER A 225 -12.68 -7.50 -17.95
C SER A 225 -13.73 -8.48 -18.50
N HIS A 226 -14.68 -7.98 -19.29
CA HIS A 226 -15.70 -8.89 -19.83
C HIS A 226 -15.17 -9.86 -20.89
N MET A 227 -13.92 -9.67 -21.28
CA MET A 227 -13.29 -10.52 -22.28
C MET A 227 -12.51 -11.66 -21.64
N VAL A 228 -12.15 -11.50 -20.37
CA VAL A 228 -11.38 -12.53 -19.65
C VAL A 228 -12.17 -13.13 -18.49
N SER A 229 -13.45 -12.81 -18.41
CA SER A 229 -14.29 -13.33 -17.35
C SER A 229 -13.77 -13.03 -15.95
N VAL A 230 -13.24 -11.82 -15.78
CA VAL A 230 -12.73 -11.36 -14.49
C VAL A 230 -13.74 -10.38 -13.92
N ASP A 231 -14.23 -10.67 -12.71
CA ASP A 231 -15.24 -9.83 -12.07
C ASP A 231 -14.68 -8.71 -11.20
N PHE A 232 -15.23 -7.50 -11.38
CA PHE A 232 -14.83 -6.33 -10.61
C PHE A 232 -15.92 -5.83 -9.69
N PRO A 233 -15.61 -5.66 -8.40
CA PRO A 233 -16.61 -5.12 -7.46
C PRO A 233 -16.85 -3.63 -7.71
N GLU A 234 -18.03 -3.17 -7.30
CA GLU A 234 -18.44 -1.77 -7.47
C GLU A 234 -17.39 -0.71 -7.13
N MET A 235 -17.07 -0.58 -5.84
CA MET A 235 -16.11 0.42 -5.39
C MET A 235 -14.80 0.39 -6.17
N MET A 236 -14.37 -0.81 -6.54
CA MET A 236 -13.13 -1.03 -7.27
C MET A 236 -13.24 -0.46 -8.69
N ALA A 237 -14.25 -0.90 -9.42
CA ALA A 237 -14.47 -0.45 -10.78
C ALA A 237 -14.51 1.07 -10.85
N GLU A 238 -15.08 1.68 -9.82
CA GLU A 238 -15.20 3.13 -9.74
C GLU A 238 -13.87 3.81 -9.49
N ILE A 239 -13.14 3.33 -8.48
CA ILE A 239 -11.84 3.93 -8.16
C ILE A 239 -10.88 3.75 -9.34
N ILE A 240 -10.88 2.56 -9.92
CA ILE A 240 -9.99 2.26 -11.03
C ILE A 240 -10.30 3.12 -12.25
N SER A 241 -11.57 3.38 -12.48
CA SER A 241 -12.01 4.14 -13.64
C SER A 241 -12.06 5.66 -13.44
N VAL A 242 -12.03 6.10 -12.18
CA VAL A 242 -12.11 7.52 -11.87
C VAL A 242 -10.81 8.09 -11.29
N GLN A 243 -10.24 7.43 -10.29
CA GLN A 243 -9.03 7.94 -9.66
C GLN A 243 -7.74 7.40 -10.26
N VAL A 244 -7.71 6.12 -10.60
CA VAL A 244 -6.52 5.53 -11.16
C VAL A 244 -6.05 6.20 -12.46
N PRO A 245 -6.99 6.58 -13.34
CA PRO A 245 -6.52 7.21 -14.58
C PRO A 245 -5.78 8.54 -14.35
N LYS A 246 -6.14 9.23 -13.26
CA LYS A 246 -5.48 10.49 -12.91
C LYS A 246 -4.01 10.23 -12.58
N ILE A 247 -3.72 9.10 -11.96
CA ILE A 247 -2.34 8.79 -11.62
C ILE A 247 -1.60 8.42 -12.89
N LEU A 248 -2.22 7.56 -13.70
CA LEU A 248 -1.61 7.07 -14.92
C LEU A 248 -1.39 8.17 -15.96
N SER A 249 -2.24 9.19 -15.98
CA SER A 249 -2.09 10.29 -16.94
C SER A 249 -1.19 11.42 -16.43
N GLY A 250 -0.69 11.29 -15.20
CA GLY A 250 0.21 12.28 -14.64
C GLY A 250 -0.41 13.42 -13.86
N LYS A 251 -1.74 13.42 -13.72
CA LYS A 251 -2.41 14.45 -12.95
C LYS A 251 -2.03 14.31 -11.48
N VAL A 252 -2.00 13.08 -10.99
CA VAL A 252 -1.62 12.84 -9.61
C VAL A 252 -0.33 12.05 -9.56
N LYS A 253 0.59 12.48 -8.72
CA LYS A 253 1.88 11.84 -8.68
C LYS A 253 2.38 11.54 -7.28
N PRO A 254 3.21 10.49 -7.14
CA PRO A 254 3.76 10.18 -5.83
C PRO A 254 4.70 11.28 -5.35
N ILE A 255 4.83 11.40 -4.04
CA ILE A 255 5.76 12.34 -3.45
C ILE A 255 6.96 11.48 -3.08
N TYR A 256 8.06 11.66 -3.81
CA TYR A 256 9.24 10.86 -3.55
C TYR A 256 10.17 11.65 -2.65
N PHE A 257 10.92 10.95 -1.83
CA PHE A 257 11.88 11.58 -0.96
C PHE A 257 13.15 11.85 -1.78
N HIS A 258 13.56 10.85 -2.57
CA HIS A 258 14.77 10.95 -3.35
C HIS A 258 14.57 11.16 -4.84
N THR A 259 15.68 11.42 -5.54
CA THR A 259 15.70 11.68 -6.99
C THR A 259 14.47 12.45 -7.50
C13 LG7 B . -5.73 -6.88 -4.07
C18 LG7 B . -0.80 -5.97 -2.51
C17 LG7 B . -1.89 -6.44 -1.87
C16 LG7 B . -3.12 -6.55 -2.69
C15 LG7 B . -4.38 -7.06 -2.06
C19 LG7 B . -0.83 -5.61 -3.89
C20 LG7 B . -2.01 -5.70 -4.74
C21 LG7 B . -3.20 -6.21 -4.06
C22 LG7 B . -4.30 -7.35 -0.63
C12 LG7 B . -4.50 -6.38 -4.73
O1 LG7 B . -7.20 -7.14 -7.97
C2 LG7 B . -6.76 -6.07 -8.74
C3 LG7 B . -5.95 -6.71 -10.00
C4 LG7 B . -4.38 -6.71 -9.60
N5 LG7 B . -4.69 -6.28 -8.17
C6 LG7 B . -5.59 -5.26 -7.98
C7 LG7 B . -5.67 -5.12 -6.47
O8 LG7 B . -6.48 -4.22 -5.89
N9 LG7 B . -4.79 -6.10 -6.02
C10 LG7 B . -4.21 -6.77 -7.05
O11 LG7 B . -3.39 -7.68 -6.99
C14 LG7 B . -5.66 -7.23 -2.74
N23 LG7 B . -4.24 -7.57 0.54
#